data_8JEQ
#
_entry.id   8JEQ
#
_cell.length_a   60.720
_cell.length_b   89.050
_cell.length_c   104.230
_cell.angle_alpha   90.00
_cell.angle_beta   90.00
_cell.angle_gamma   90.00
#
_symmetry.space_group_name_H-M   'P 21 21 21'
#
loop_
_entity.id
_entity.type
_entity.pdbx_description
1 polymer 'antibody heavy chain'
2 polymer 'antibody light chain'
3 water water
#
loop_
_entity_poly.entity_id
_entity_poly.type
_entity_poly.pdbx_seq_one_letter_code
_entity_poly.pdbx_strand_id
1 'polypeptide(L)'
;EVQLQQSGPGLVKPSQTLSLTCAISGDSVSSNSAAWNWIRQSPSRGLEWLGKTYYRFKWYSDYAVSVKGRITINPDTSKN
QFSLQLNSVTPEDTAVFYCTRESTTYDLLAGPFDYWGQGTLVTVSSASTKGPSVFPLAPSSKSTSGGTAALGCLVKDYFP
EPVTVSWNSGALTSGVHTFPAVLQSSGLYSLSSVVTVPSSSLGTQTYICNVNHKPSNTKVDKKVEPKSCHHHHHH
;
A
2 'polypeptide(L)'
;DIVMTQSPDSLAVSLGERATINCKSSQTVLYSSNNKKYLAWYQQKPGQPPNLLIYWASTRESGVPDRFSGSGSGTDFTLT
ISSLQAEDVAVYYCQQYYSTPFTFGPGTKVEIKRTVAAPSVFIFPPSDEQLKSGTASVVCLLNNFYPREAKVQWKVDNAL
QSGNSQESVTEQDSKDSTYSLSSTLTLSKADYEKHKVYACEVTHQGLSSPVTKSFNRGEC
;
B
#
# COMPACT_ATOMS: atom_id res chain seq x y z
N VAL A 2 23.01 5.41 -2.18
CA VAL A 2 22.38 4.90 -3.41
C VAL A 2 20.86 5.07 -3.39
N GLN A 3 20.30 5.65 -4.47
CA GLN A 3 18.87 5.85 -4.62
C GLN A 3 18.44 5.46 -6.02
N LEU A 4 17.32 4.78 -6.12
CA LEU A 4 16.73 4.39 -7.40
C LEU A 4 15.36 5.04 -7.50
N GLN A 5 15.18 5.89 -8.52
CA GLN A 5 13.96 6.68 -8.70
C GLN A 5 13.27 6.26 -10.00
N GLN A 6 12.03 5.76 -9.90
CA GLN A 6 11.28 5.25 -11.04
C GLN A 6 10.37 6.32 -11.63
N SER A 7 10.11 6.21 -12.93
CA SER A 7 9.09 7.04 -13.57
C SER A 7 7.70 6.72 -12.99
N GLY A 8 6.72 7.55 -13.35
CA GLY A 8 5.45 7.58 -12.65
C GLY A 8 4.44 6.56 -13.18
N PRO A 9 3.38 6.36 -12.41
CA PRO A 9 2.34 5.40 -12.78
C PRO A 9 1.41 5.95 -13.86
N GLY A 10 0.72 5.04 -14.53
CA GLY A 10 -0.28 5.46 -15.50
C GLY A 10 -0.72 4.33 -16.39
N LEU A 11 -1.53 4.69 -17.38
CA LEU A 11 -2.20 3.74 -18.24
C LEU A 11 -1.35 3.39 -19.44
N VAL A 12 -1.40 2.12 -19.84
CA VAL A 12 -0.96 1.70 -21.16
C VAL A 12 -2.16 1.02 -21.83
N LYS A 13 -2.38 1.35 -23.09
CA LYS A 13 -3.49 0.71 -23.79
C LYS A 13 -3.09 -0.70 -24.20
N PRO A 14 -4.04 -1.63 -24.26
CA PRO A 14 -3.72 -2.98 -24.73
C PRO A 14 -3.07 -2.94 -26.11
N SER A 15 -2.16 -3.89 -26.33
CA SER A 15 -1.34 -4.06 -27.53
C SER A 15 -0.24 -3.00 -27.67
N GLN A 16 -0.17 -2.01 -26.77
CA GLN A 16 0.90 -1.02 -26.84
C GLN A 16 2.05 -1.43 -25.91
N THR A 17 3.05 -0.56 -25.83
CA THR A 17 4.31 -0.86 -25.18
C THR A 17 4.41 -0.15 -23.84
N LEU A 18 4.50 -0.93 -22.76
CA LEU A 18 4.81 -0.39 -21.45
C LEU A 18 6.25 0.11 -21.43
N SER A 19 6.48 1.28 -20.85
CA SER A 19 7.80 1.89 -20.88
C SER A 19 8.07 2.60 -19.56
N LEU A 20 9.09 2.16 -18.83
CA LEU A 20 9.44 2.72 -17.53
C LEU A 20 10.93 3.00 -17.51
N THR A 21 11.33 3.88 -16.60
CA THR A 21 12.74 4.20 -16.44
C THR A 21 13.07 4.22 -14.95
N CYS A 22 14.32 3.90 -14.65
CA CYS A 22 14.82 3.90 -13.28
C CYS A 22 16.08 4.75 -13.29
N ALA A 23 16.06 5.87 -12.58
CA ALA A 23 17.19 6.78 -12.54
C ALA A 23 18.02 6.50 -11.28
N ILE A 24 19.32 6.25 -11.50
CA ILE A 24 20.26 5.86 -10.44
C ILE A 24 21.03 7.09 -9.97
N SER A 25 21.17 7.22 -8.66
CA SER A 25 22.12 8.18 -8.08
C SER A 25 22.86 7.51 -6.95
N GLY A 26 24.10 7.92 -6.75
CA GLY A 26 24.98 7.25 -5.81
C GLY A 26 25.68 6.02 -6.35
N ASP A 27 25.47 5.70 -7.63
CA ASP A 27 26.14 4.57 -8.27
C ASP A 27 26.11 4.84 -9.77
N SER A 28 26.92 4.09 -10.51
CA SER A 28 26.94 4.18 -11.97
C SER A 28 26.22 2.98 -12.58
N VAL A 29 25.51 3.22 -13.69
CA VAL A 29 24.79 2.11 -14.32
C VAL A 29 25.76 1.15 -14.98
N SER A 30 26.99 1.62 -15.28
CA SER A 30 28.05 0.77 -15.81
C SER A 30 28.87 0.06 -14.73
N SER A 31 28.44 0.10 -13.47
CA SER A 31 29.27 -0.42 -12.39
C SER A 31 29.63 -1.88 -12.62
N ASN A 32 30.93 -2.17 -12.46
CA ASN A 32 31.52 -3.50 -12.46
C ASN A 32 30.86 -4.46 -11.47
N SER A 33 30.20 -3.94 -10.43
CA SER A 33 29.75 -4.74 -9.30
C SER A 33 28.24 -4.65 -9.09
N ALA A 34 27.50 -4.29 -10.13
CA ALA A 34 26.06 -4.27 -10.02
C ALA A 34 25.45 -4.92 -11.25
N ALA A 35 24.21 -5.37 -11.09
CA ALA A 35 23.31 -5.65 -12.21
C ALA A 35 21.99 -4.97 -11.91
N TRP A 36 21.34 -4.50 -12.96
CA TRP A 36 20.16 -3.64 -12.85
C TRP A 36 18.94 -4.42 -13.33
N ASN A 37 18.02 -4.72 -12.41
CA ASN A 37 16.95 -5.70 -12.57
C ASN A 37 15.60 -5.02 -12.54
N TRP A 38 14.62 -5.67 -13.17
CA TRP A 38 13.22 -5.33 -12.99
C TRP A 38 12.50 -6.53 -12.41
N ILE A 39 11.65 -6.27 -11.43
CA ILE A 39 10.82 -7.25 -10.74
C ILE A 39 9.38 -6.79 -10.89
N ARG A 40 8.45 -7.72 -11.10
CA ARG A 40 7.05 -7.32 -11.07
C ARG A 40 6.34 -8.04 -9.94
N GLN A 41 5.35 -7.36 -9.36
CA GLN A 41 4.56 -7.90 -8.27
C GLN A 41 3.10 -7.78 -8.64
N SER A 42 2.40 -8.92 -8.68
CA SER A 42 1.02 -8.97 -9.11
C SER A 42 0.21 -9.75 -8.09
N PRO A 43 -1.15 -9.77 -8.22
CA PRO A 43 -2.00 -10.47 -7.24
C PRO A 43 -1.50 -11.84 -6.76
N SER A 44 -1.51 -12.84 -7.64
CA SER A 44 -1.21 -14.20 -7.22
C SER A 44 0.10 -14.74 -7.78
N ARG A 45 0.70 -14.07 -8.76
CA ARG A 45 2.03 -14.48 -9.18
C ARG A 45 3.12 -13.98 -8.25
N GLY A 46 2.77 -13.13 -7.27
CA GLY A 46 3.73 -12.70 -6.25
C GLY A 46 4.86 -11.88 -6.87
N LEU A 47 6.04 -11.97 -6.28
CA LEU A 47 7.22 -11.30 -6.82
C LEU A 47 7.86 -12.17 -7.89
N GLU A 48 8.11 -11.56 -9.05
CA GLU A 48 8.56 -12.27 -10.24
C GLU A 48 9.67 -11.47 -10.93
N TRP A 49 10.85 -12.07 -11.02
CA TRP A 49 11.96 -11.46 -11.74
C TRP A 49 11.68 -11.44 -13.25
N LEU A 50 11.89 -10.29 -13.88
CA LEU A 50 11.68 -10.12 -15.32
C LEU A 50 12.95 -10.11 -16.13
N GLY A 51 14.01 -9.50 -15.62
CA GLY A 51 15.23 -9.42 -16.40
C GLY A 51 16.22 -8.48 -15.76
N LYS A 52 17.39 -8.39 -16.40
CA LYS A 52 18.43 -7.52 -15.89
C LYS A 52 19.36 -7.17 -17.06
N THR A 53 20.05 -6.04 -16.90
CA THR A 53 21.20 -5.74 -17.73
C THR A 53 22.38 -5.34 -16.86
N TYR A 54 23.57 -5.56 -17.39
CA TYR A 54 24.75 -5.31 -16.59
C TYR A 54 25.93 -5.15 -17.52
N TYR A 55 26.90 -4.36 -17.08
CA TYR A 55 28.11 -4.04 -17.84
C TYR A 55 29.29 -4.74 -17.18
N ARG A 56 29.95 -5.64 -17.90
CA ARG A 56 31.19 -6.21 -17.43
C ARG A 56 32.35 -5.64 -18.24
N PHE A 57 32.47 -6.02 -19.50
CA PHE A 57 33.30 -5.26 -20.43
C PHE A 57 32.50 -4.84 -21.65
N LYS A 58 31.30 -5.37 -21.82
CA LYS A 58 30.28 -4.87 -22.71
C LYS A 58 28.96 -5.08 -21.99
N TRP A 59 27.87 -4.66 -22.61
CA TRP A 59 26.56 -4.82 -22.00
C TRP A 59 25.98 -6.23 -22.25
N TYR A 60 25.36 -6.77 -21.21
CA TYR A 60 24.68 -8.06 -21.31
C TYR A 60 23.28 -7.90 -20.73
N SER A 61 22.33 -8.65 -21.29
CA SER A 61 20.97 -8.66 -20.77
C SER A 61 20.48 -10.10 -20.66
N ASP A 62 19.70 -10.38 -19.61
CA ASP A 62 19.06 -11.68 -19.50
C ASP A 62 17.64 -11.47 -19.01
N TYR A 63 16.73 -12.28 -19.55
CA TYR A 63 15.30 -12.05 -19.41
C TYR A 63 14.61 -13.33 -18.99
N ALA A 64 13.55 -13.19 -18.21
CA ALA A 64 12.74 -14.33 -17.79
C ALA A 64 12.03 -14.96 -18.98
N VAL A 65 11.89 -16.29 -18.95
CA VAL A 65 11.23 -16.98 -20.05
C VAL A 65 9.79 -16.50 -20.23
N SER A 66 9.09 -16.10 -19.15
CA SER A 66 7.69 -15.69 -19.29
C SER A 66 7.51 -14.44 -20.13
N VAL A 67 8.55 -13.65 -20.34
CA VAL A 67 8.47 -12.45 -21.16
C VAL A 67 9.42 -12.53 -22.35
N LYS A 68 9.84 -13.74 -22.71
CA LYS A 68 10.79 -13.91 -23.80
C LYS A 68 10.28 -13.24 -25.06
N GLY A 69 11.14 -12.44 -25.69
CA GLY A 69 10.79 -11.78 -26.92
C GLY A 69 9.92 -10.55 -26.78
N ARG A 70 9.46 -10.21 -25.58
CA ARG A 70 8.61 -9.05 -25.36
C ARG A 70 9.27 -7.94 -24.56
N ILE A 71 10.47 -8.15 -24.04
CA ILE A 71 11.04 -7.26 -23.03
C ILE A 71 12.37 -6.71 -23.53
N THR A 72 12.64 -5.44 -23.25
CA THR A 72 14.00 -4.91 -23.36
C THR A 72 14.30 -4.10 -22.12
N ILE A 73 15.55 -4.19 -21.68
CA ILE A 73 16.07 -3.42 -20.57
C ILE A 73 17.33 -2.76 -21.09
N ASN A 74 17.31 -1.44 -21.23
CA ASN A 74 18.39 -0.75 -21.93
C ASN A 74 19.09 0.20 -20.97
N PRO A 75 20.42 0.21 -20.93
CA PRO A 75 21.13 1.24 -20.17
C PRO A 75 21.21 2.55 -20.93
N ASP A 76 21.26 3.64 -20.16
CA ASP A 76 21.46 4.99 -20.68
C ASP A 76 22.61 5.58 -19.88
N THR A 77 23.85 5.36 -20.34
CA THR A 77 25.01 5.86 -19.59
C THR A 77 24.99 7.38 -19.47
N SER A 78 24.43 8.08 -20.46
CA SER A 78 24.45 9.54 -20.43
C SER A 78 23.60 10.09 -19.28
N LYS A 79 22.39 9.56 -19.09
CA LYS A 79 21.53 9.99 -17.98
C LYS A 79 21.65 9.09 -16.76
N ASN A 80 22.52 8.09 -16.79
CA ASN A 80 22.69 7.14 -15.69
C ASN A 80 21.35 6.51 -15.30
N GLN A 81 20.70 5.90 -16.30
CA GLN A 81 19.38 5.30 -16.16
C GLN A 81 19.36 3.94 -16.83
N PHE A 82 18.30 3.19 -16.54
CA PHE A 82 18.00 2.04 -17.36
C PHE A 82 16.49 1.92 -17.49
N SER A 83 16.07 1.28 -18.58
CA SER A 83 14.68 1.26 -18.98
C SER A 83 14.10 -0.13 -18.81
N LEU A 84 12.77 -0.19 -18.75
CA LEU A 84 12.04 -1.42 -18.99
C LEU A 84 11.01 -1.12 -20.07
N GLN A 85 11.01 -1.91 -21.15
CA GLN A 85 9.93 -1.87 -22.12
C GLN A 85 9.31 -3.25 -22.25
N LEU A 86 7.98 -3.31 -22.17
CA LEU A 86 7.25 -4.55 -22.37
C LEU A 86 6.30 -4.36 -23.54
N ASN A 87 6.42 -5.24 -24.54
CA ASN A 87 5.75 -5.09 -25.83
C ASN A 87 4.37 -5.75 -25.79
N SER A 88 3.44 -5.19 -26.55
CA SER A 88 2.13 -5.82 -26.81
C SER A 88 1.42 -6.22 -25.52
N VAL A 89 1.36 -5.28 -24.58
CA VAL A 89 0.81 -5.61 -23.26
C VAL A 89 -0.68 -5.96 -23.38
N THR A 90 -1.12 -6.85 -22.53
CA THR A 90 -2.51 -7.17 -22.34
C THR A 90 -2.97 -6.69 -20.97
N PRO A 91 -4.29 -6.60 -20.72
CA PRO A 91 -4.76 -6.20 -19.38
C PRO A 91 -4.14 -7.00 -18.24
N GLU A 92 -3.76 -8.26 -18.49
CA GLU A 92 -3.11 -9.10 -17.49
C GLU A 92 -1.67 -8.69 -17.18
N ASP A 93 -1.08 -7.78 -17.95
CA ASP A 93 0.25 -7.31 -17.59
C ASP A 93 0.22 -6.28 -16.47
N THR A 94 -0.96 -5.84 -16.04
CA THR A 94 -1.07 -4.84 -14.98
C THR A 94 -0.35 -5.33 -13.74
N ALA A 95 0.48 -4.47 -13.15
CA ALA A 95 1.30 -4.89 -12.02
C ALA A 95 2.04 -3.69 -11.45
N VAL A 96 2.55 -3.85 -10.24
CA VAL A 96 3.58 -2.97 -9.72
C VAL A 96 4.92 -3.48 -10.21
N PHE A 97 5.71 -2.60 -10.81
CA PHE A 97 7.05 -2.91 -11.30
C PHE A 97 8.06 -2.23 -10.41
N TYR A 98 9.13 -2.95 -10.09
CA TYR A 98 10.23 -2.43 -9.28
C TYR A 98 11.53 -2.59 -10.04
N CYS A 99 12.36 -1.54 -10.02
CA CYS A 99 13.75 -1.71 -10.40
C CYS A 99 14.55 -1.96 -9.13
N THR A 100 15.62 -2.74 -9.25
CA THR A 100 16.44 -3.02 -8.08
C THR A 100 17.87 -3.30 -8.50
N ARG A 101 18.80 -2.96 -7.60
CA ARG A 101 20.20 -3.28 -7.78
C ARG A 101 20.53 -4.63 -7.17
N GLU A 102 21.13 -5.50 -7.98
CA GLU A 102 21.80 -6.72 -7.50
C GLU A 102 23.27 -6.39 -7.32
N SER A 103 23.78 -6.57 -6.11
CA SER A 103 25.17 -6.25 -5.82
C SER A 103 26.02 -7.52 -5.89
N THR A 104 27.06 -7.49 -6.70
CA THR A 104 28.04 -8.56 -6.89
C THR A 104 29.44 -8.03 -6.56
N THR A 105 30.42 -8.91 -6.56
CA THR A 105 31.83 -8.49 -6.45
C THR A 105 32.66 -9.34 -7.40
N TYR A 106 33.97 -9.38 -7.14
CA TYR A 106 34.84 -10.37 -7.76
C TYR A 106 34.72 -11.70 -7.02
N ASP A 107 34.79 -12.78 -7.78
CA ASP A 107 34.61 -14.14 -7.27
C ASP A 107 33.24 -14.35 -6.63
N LEU A 108 32.29 -13.46 -6.90
CA LEU A 108 30.87 -13.72 -6.66
C LEU A 108 30.12 -13.24 -7.88
N LEU A 109 29.41 -14.15 -8.54
CA LEU A 109 28.73 -13.80 -9.78
C LEU A 109 27.23 -13.56 -9.57
N ALA A 110 26.77 -13.58 -8.33
CA ALA A 110 25.36 -13.29 -8.03
C ALA A 110 25.29 -12.70 -6.63
N GLY A 111 24.20 -11.99 -6.37
CA GLY A 111 23.97 -11.35 -5.11
C GLY A 111 22.51 -11.05 -4.87
N PRO A 112 22.18 -10.55 -3.68
CA PRO A 112 20.79 -10.18 -3.39
C PRO A 112 20.44 -8.84 -4.01
N PHE A 113 19.16 -8.48 -3.92
CA PHE A 113 18.67 -7.19 -4.39
C PHE A 113 18.74 -6.21 -3.23
N ASP A 114 19.77 -5.36 -3.20
CA ASP A 114 19.97 -4.59 -1.97
C ASP A 114 19.39 -3.18 -2.02
N TYR A 115 19.13 -2.62 -3.19
CA TYR A 115 18.45 -1.34 -3.29
C TYR A 115 17.32 -1.45 -4.29
N TRP A 116 16.19 -0.81 -3.97
CA TRP A 116 14.96 -0.97 -4.75
C TRP A 116 14.40 0.41 -5.09
N GLY A 117 13.82 0.53 -6.28
CA GLY A 117 13.00 1.68 -6.59
C GLY A 117 11.71 1.63 -5.79
N GLN A 118 10.92 2.71 -5.88
CA GLN A 118 9.69 2.84 -5.09
C GLN A 118 8.50 2.09 -5.66
N GLY A 119 8.61 1.54 -6.87
CA GLY A 119 7.49 0.79 -7.40
C GLY A 119 6.65 1.70 -8.28
N THR A 120 6.19 1.17 -9.42
CA THR A 120 5.31 1.90 -10.33
C THR A 120 4.15 0.99 -10.69
N LEU A 121 2.94 1.43 -10.37
CA LEU A 121 1.76 0.70 -10.79
C LEU A 121 1.44 1.11 -12.23
N VAL A 122 1.53 0.15 -13.14
CA VAL A 122 1.14 0.34 -14.54
C VAL A 122 -0.14 -0.45 -14.76
N THR A 123 -1.17 0.24 -15.24
CA THR A 123 -2.48 -0.35 -15.48
C THR A 123 -2.68 -0.45 -16.98
N VAL A 124 -3.00 -1.63 -17.48
CA VAL A 124 -3.28 -1.82 -18.89
C VAL A 124 -4.79 -1.85 -19.10
N SER A 125 -5.29 -0.89 -19.87
CA SER A 125 -6.72 -0.73 -20.05
C SER A 125 -6.96 0.23 -21.20
N SER A 126 -8.06 -0.01 -21.91
CA SER A 126 -8.51 0.89 -22.97
C SER A 126 -9.27 2.11 -22.45
N ALA A 127 -9.65 2.13 -21.17
CA ALA A 127 -10.37 3.28 -20.63
C ALA A 127 -9.47 4.52 -20.57
N SER A 128 -10.11 5.68 -20.58
CA SER A 128 -9.36 6.92 -20.42
C SER A 128 -9.15 7.24 -18.94
N THR A 129 -8.11 8.03 -18.65
CA THR A 129 -7.89 8.48 -17.28
C THR A 129 -9.03 9.41 -16.88
N LYS A 130 -9.29 9.45 -15.58
CA LYS A 130 -10.22 10.42 -15.03
C LYS A 130 -9.63 10.89 -13.71
N GLY A 131 -9.50 12.21 -13.56
CA GLY A 131 -9.02 12.80 -12.32
C GLY A 131 -10.09 12.76 -11.23
N PRO A 132 -9.66 12.77 -9.97
CA PRO A 132 -10.63 12.68 -8.87
C PRO A 132 -11.29 14.01 -8.58
N SER A 133 -12.50 13.92 -8.01
CA SER A 133 -13.05 15.02 -7.22
C SER A 133 -12.64 14.82 -5.77
N VAL A 134 -12.28 15.91 -5.12
CA VAL A 134 -11.82 15.88 -3.73
C VAL A 134 -12.81 16.66 -2.89
N PHE A 135 -13.35 16.02 -1.86
CA PHE A 135 -14.33 16.68 -1.00
C PHE A 135 -13.87 16.66 0.45
N PRO A 136 -14.07 17.74 1.20
CA PRO A 136 -13.70 17.73 2.62
C PRO A 136 -14.58 16.78 3.40
N LEU A 137 -13.97 16.15 4.41
CA LEU A 137 -14.69 15.46 5.49
C LEU A 137 -14.48 16.35 6.73
N ALA A 138 -15.37 17.32 6.92
CA ALA A 138 -15.12 18.37 7.90
C ALA A 138 -15.24 17.83 9.32
N PRO A 139 -14.35 18.27 10.24
CA PRO A 139 -14.52 17.87 11.64
C PRO A 139 -15.78 18.51 12.21
N SER A 140 -16.46 17.80 13.10
CA SER A 140 -17.73 18.27 13.63
C SER A 140 -17.95 17.64 14.99
N SER A 141 -19.11 17.92 15.59
CA SER A 141 -19.47 17.26 16.83
C SER A 141 -19.50 15.75 16.67
N LYS A 142 -19.78 15.28 15.46
CA LYS A 142 -19.91 13.86 15.19
C LYS A 142 -18.59 13.18 14.85
N SER A 143 -17.46 13.91 14.87
CA SER A 143 -16.16 13.29 14.62
C SER A 143 -15.17 13.57 15.76
N THR A 144 -15.67 13.96 16.93
CA THR A 144 -14.85 14.23 18.11
C THR A 144 -14.96 13.11 19.12
N SER A 145 -13.97 13.06 20.01
CA SER A 145 -13.97 12.12 21.11
C SER A 145 -12.80 12.42 22.03
N GLY A 146 -13.08 12.83 23.25
CA GLY A 146 -12.03 12.95 24.26
C GLY A 146 -10.84 13.78 23.85
N GLY A 147 -11.07 15.01 23.37
CA GLY A 147 -9.99 15.95 23.09
C GLY A 147 -9.42 15.82 21.70
N THR A 148 -10.00 14.95 20.90
CA THR A 148 -9.51 14.55 19.60
C THR A 148 -10.58 14.83 18.55
N ALA A 149 -10.15 15.26 17.37
CA ALA A 149 -11.06 15.53 16.27
C ALA A 149 -10.57 14.80 15.02
N ALA A 150 -11.48 14.10 14.35
CA ALA A 150 -11.16 13.45 13.09
C ALA A 150 -11.67 14.28 11.92
N LEU A 151 -10.84 14.40 10.90
CA LEU A 151 -11.21 15.12 9.69
C LEU A 151 -10.54 14.40 8.53
N GLY A 152 -10.89 14.77 7.31
CA GLY A 152 -10.32 14.04 6.20
C GLY A 152 -10.68 14.62 4.86
N CYS A 153 -10.34 13.86 3.81
CA CYS A 153 -10.75 14.17 2.45
C CYS A 153 -11.29 12.92 1.77
N LEU A 154 -12.33 13.10 0.98
CA LEU A 154 -12.91 12.02 0.18
C LEU A 154 -12.45 12.23 -1.26
N VAL A 155 -11.79 11.24 -1.82
CA VAL A 155 -11.18 11.30 -3.14
C VAL A 155 -12.00 10.38 -4.02
N LYS A 156 -12.87 10.94 -4.86
CA LYS A 156 -13.92 10.16 -5.49
C LYS A 156 -13.80 10.16 -7.01
N ASP A 157 -14.06 9.00 -7.60
CA ASP A 157 -14.34 8.87 -9.05
C ASP A 157 -13.09 9.11 -9.90
N TYR A 158 -12.01 8.39 -9.62
CA TYR A 158 -10.83 8.50 -10.47
C TYR A 158 -10.45 7.16 -11.09
N PHE A 159 -9.62 7.23 -12.13
CA PHE A 159 -9.15 6.03 -12.82
C PHE A 159 -7.89 6.37 -13.59
N PRO A 160 -6.85 5.52 -13.56
CA PRO A 160 -6.74 4.30 -12.74
C PRO A 160 -6.13 4.62 -11.37
N GLU A 161 -5.94 3.60 -10.54
CA GLU A 161 -5.05 3.74 -9.41
C GLU A 161 -3.65 4.05 -9.93
N PRO A 162 -2.80 4.69 -9.11
CA PRO A 162 -3.11 5.09 -7.74
C PRO A 162 -3.31 6.59 -7.60
N VAL A 163 -3.81 7.05 -6.45
CA VAL A 163 -3.68 8.46 -6.04
C VAL A 163 -2.78 8.52 -4.82
N THR A 164 -1.98 9.57 -4.76
CA THR A 164 -1.18 9.89 -3.58
C THR A 164 -1.93 10.91 -2.76
N VAL A 165 -1.99 10.71 -1.45
CA VAL A 165 -2.57 11.70 -0.54
C VAL A 165 -1.52 12.01 0.50
N SER A 166 -1.22 13.28 0.69
CA SER A 166 -0.42 13.73 1.82
C SER A 166 -1.21 14.81 2.55
N TRP A 167 -0.75 15.15 3.75
CA TRP A 167 -1.38 16.18 4.55
C TRP A 167 -0.36 17.26 4.87
N ASN A 168 -0.71 18.52 4.62
CA ASN A 168 0.17 19.67 4.88
C ASN A 168 1.53 19.51 4.18
N SER A 169 1.48 19.04 2.94
CA SER A 169 2.65 18.87 2.08
C SER A 169 3.67 17.90 2.68
N GLY A 170 3.17 16.89 3.42
CA GLY A 170 4.03 15.90 4.02
C GLY A 170 4.42 16.18 5.45
N ALA A 171 4.12 17.39 5.97
CA ALA A 171 4.48 17.73 7.34
C ALA A 171 3.57 17.07 8.37
N LEU A 172 2.42 16.56 7.96
CA LEU A 172 1.50 15.90 8.88
C LEU A 172 1.42 14.43 8.51
N THR A 173 1.98 13.56 9.36
CA THR A 173 1.95 12.12 9.10
C THR A 173 1.36 11.31 10.26
N SER A 174 1.58 11.74 11.51
CA SER A 174 1.05 11.00 12.65
C SER A 174 -0.47 11.01 12.64
N GLY A 175 -1.07 9.88 13.00
CA GLY A 175 -2.52 9.79 13.07
C GLY A 175 -3.26 9.80 11.74
N VAL A 176 -2.56 9.66 10.60
CA VAL A 176 -3.18 9.64 9.27
C VAL A 176 -3.55 8.21 8.89
N HIS A 177 -4.72 8.02 8.31
CA HIS A 177 -5.10 6.76 7.69
C HIS A 177 -5.59 7.08 6.28
N THR A 178 -4.84 6.67 5.28
CA THR A 178 -5.29 6.74 3.90
C THR A 178 -5.73 5.34 3.52
N PHE A 179 -7.01 5.17 3.32
CA PHE A 179 -7.58 3.84 3.18
C PHE A 179 -7.31 3.28 1.78
N PRO A 180 -7.22 1.96 1.68
CA PRO A 180 -7.23 1.32 0.36
C PRO A 180 -8.45 1.75 -0.43
N ALA A 181 -8.23 1.98 -1.72
CA ALA A 181 -9.31 2.40 -2.60
C ALA A 181 -10.37 1.31 -2.73
N VAL A 182 -11.62 1.73 -2.98
CA VAL A 182 -12.66 0.78 -3.35
C VAL A 182 -12.99 0.96 -4.82
N LEU A 183 -13.40 -0.13 -5.43
CA LEU A 183 -13.84 -0.15 -6.82
C LEU A 183 -15.35 0.12 -6.88
N GLN A 184 -15.73 1.24 -7.48
CA GLN A 184 -17.14 1.54 -7.62
C GLN A 184 -17.75 0.75 -8.79
N SER A 185 -19.08 0.67 -8.79
CA SER A 185 -19.77 -0.07 -9.85
C SER A 185 -19.45 0.50 -11.23
N SER A 186 -19.14 1.79 -11.32
CA SER A 186 -18.79 2.42 -12.58
C SER A 186 -17.41 2.02 -13.10
N GLY A 187 -16.61 1.30 -12.33
CA GLY A 187 -15.24 1.02 -12.70
C GLY A 187 -14.23 2.04 -12.20
N LEU A 188 -14.72 3.17 -11.67
CA LEU A 188 -13.86 4.19 -11.07
C LEU A 188 -13.56 3.83 -9.61
N TYR A 189 -12.52 4.45 -9.06
CA TYR A 189 -12.06 4.24 -7.71
C TYR A 189 -12.43 5.41 -6.81
N SER A 190 -12.52 5.14 -5.51
CA SER A 190 -12.63 6.17 -4.48
C SER A 190 -11.87 5.73 -3.25
N LEU A 191 -11.32 6.71 -2.53
CA LEU A 191 -10.75 6.41 -1.24
C LEU A 191 -10.99 7.59 -0.31
N SER A 192 -10.72 7.36 0.96
CA SER A 192 -10.74 8.44 1.93
C SER A 192 -9.41 8.46 2.66
N SER A 193 -9.03 9.65 3.08
CA SER A 193 -7.86 9.86 3.90
C SER A 193 -8.31 10.70 5.08
N VAL A 194 -8.03 10.22 6.29
CA VAL A 194 -8.48 10.90 7.49
C VAL A 194 -7.28 11.10 8.40
N VAL A 195 -7.42 12.06 9.30
CA VAL A 195 -6.38 12.32 10.29
C VAL A 195 -7.07 12.74 11.57
N THR A 196 -6.47 12.31 12.69
CA THR A 196 -6.92 12.69 14.02
C THR A 196 -5.97 13.74 14.59
N VAL A 197 -6.53 14.87 15.04
CA VAL A 197 -5.77 16.02 15.52
C VAL A 197 -6.35 16.49 16.83
N PRO A 198 -5.61 17.31 17.60
CA PRO A 198 -6.20 17.89 18.81
C PRO A 198 -7.41 18.75 18.44
N SER A 199 -8.52 18.55 19.16
CA SER A 199 -9.66 19.42 18.95
C SER A 199 -9.41 20.82 19.51
N SER A 200 -8.47 20.97 20.44
CA SER A 200 -8.20 22.27 21.06
C SER A 200 -7.70 23.31 20.06
N SER A 201 -6.99 22.88 19.01
CA SER A 201 -6.25 23.81 18.16
C SER A 201 -6.79 23.89 16.74
N LEU A 202 -8.06 23.52 16.51
CA LEU A 202 -8.62 23.62 15.16
C LEU A 202 -8.67 25.06 14.67
N GLY A 203 -8.66 26.02 15.59
CA GLY A 203 -8.70 27.42 15.20
C GLY A 203 -7.37 27.98 14.76
N THR A 204 -6.25 27.40 15.22
CA THR A 204 -4.94 27.94 14.91
C THR A 204 -4.17 27.12 13.88
N GLN A 205 -4.47 25.83 13.75
CA GLN A 205 -3.79 24.96 12.80
C GLN A 205 -4.59 24.92 11.50
N THR A 206 -3.90 24.66 10.40
CA THR A 206 -4.51 24.51 9.09
C THR A 206 -4.23 23.12 8.57
N TYR A 207 -5.26 22.44 8.07
CA TYR A 207 -5.16 21.07 7.58
C TYR A 207 -5.57 21.03 6.12
N ILE A 208 -4.63 20.69 5.25
CA ILE A 208 -4.82 20.68 3.80
C ILE A 208 -4.44 19.30 3.30
N CYS A 209 -5.36 18.65 2.59
CA CYS A 209 -5.01 17.36 2.00
C CYS A 209 -4.52 17.63 0.59
N ASN A 210 -3.34 17.09 0.27
CA ASN A 210 -2.73 17.25 -1.04
C ASN A 210 -2.95 15.97 -1.83
N VAL A 211 -3.76 16.05 -2.87
CA VAL A 211 -4.11 14.88 -3.66
C VAL A 211 -3.38 14.98 -4.99
N ASN A 212 -2.71 13.89 -5.37
CA ASN A 212 -1.95 13.83 -6.61
C ASN A 212 -2.35 12.55 -7.34
N HIS A 213 -3.03 12.70 -8.47
CA HIS A 213 -3.38 11.60 -9.34
C HIS A 213 -2.46 11.69 -10.56
N LYS A 214 -1.28 11.11 -10.43
CA LYS A 214 -0.27 11.22 -11.49
C LYS A 214 -0.78 10.71 -12.84
N PRO A 215 -1.51 9.60 -12.94
CA PRO A 215 -1.93 9.13 -14.28
C PRO A 215 -2.69 10.16 -15.09
N SER A 216 -3.36 11.13 -14.45
CA SER A 216 -4.09 12.16 -15.19
C SER A 216 -3.48 13.55 -15.02
N ASN A 217 -2.31 13.65 -14.38
CA ASN A 217 -1.66 14.93 -14.12
C ASN A 217 -2.59 15.88 -13.35
N THR A 218 -3.28 15.34 -12.35
CA THR A 218 -4.23 16.10 -11.56
C THR A 218 -3.67 16.26 -10.15
N LYS A 219 -3.54 17.51 -9.71
CA LYS A 219 -3.17 17.82 -8.33
C LYS A 219 -4.25 18.72 -7.74
N VAL A 220 -4.76 18.35 -6.57
CA VAL A 220 -5.76 19.13 -5.86
C VAL A 220 -5.29 19.30 -4.42
N ASP A 221 -5.39 20.51 -3.90
CA ASP A 221 -5.25 20.78 -2.47
C ASP A 221 -6.61 21.21 -1.93
N LYS A 222 -7.03 20.62 -0.82
CA LYS A 222 -8.30 20.97 -0.20
C LYS A 222 -8.05 21.32 1.26
N LYS A 223 -8.42 22.53 1.67
CA LYS A 223 -8.40 22.90 3.07
C LYS A 223 -9.63 22.34 3.77
N VAL A 224 -9.43 21.69 4.91
CA VAL A 224 -10.52 21.03 5.62
C VAL A 224 -10.71 21.74 6.95
N GLU A 225 -11.91 22.28 7.17
CA GLU A 225 -12.17 23.06 8.37
C GLU A 225 -13.58 22.76 8.89
N PRO A 226 -13.83 23.04 10.17
CA PRO A 226 -15.21 22.88 10.68
C PRO A 226 -16.16 23.75 9.87
N LYS A 227 -17.33 23.22 9.59
CA LYS A 227 -18.27 23.89 8.69
C LYS A 227 -19.21 24.78 9.48
N SER A 228 -19.33 26.04 9.02
CA SER A 228 -20.24 26.99 9.63
C SER A 228 -21.68 26.48 9.57
N CYS A 229 -22.52 27.03 10.43
CA CYS A 229 -23.89 26.56 10.62
C CYS A 229 -24.91 27.59 10.15
N HIS A 230 -25.89 27.12 9.39
CA HIS A 230 -26.97 27.95 8.88
C HIS A 230 -28.34 27.30 9.01
N HIS A 231 -28.46 26.19 9.75
CA HIS A 231 -29.68 25.37 9.79
C HIS A 231 -30.27 25.33 11.20
N HIS A 232 -31.28 24.48 11.38
CA HIS A 232 -32.06 24.30 12.61
C HIS A 232 -32.98 25.49 12.89
N HIS A 233 -33.33 26.21 11.83
CA HIS A 233 -33.81 27.59 11.80
C HIS A 233 -34.81 28.04 12.87
N HIS A 234 -34.64 27.69 14.16
CA HIS A 234 -35.69 28.10 15.08
C HIS A 234 -35.29 28.12 16.54
N HIS A 235 -34.28 28.89 16.92
CA HIS A 235 -33.94 29.02 18.33
C HIS A 235 -33.12 30.27 18.65
N ILE B 2 13.95 -24.41 -9.28
CA ILE B 2 13.94 -23.92 -7.91
C ILE B 2 12.63 -23.22 -7.58
N VAL B 3 11.71 -24.00 -7.07
CA VAL B 3 10.50 -23.47 -6.46
C VAL B 3 10.79 -23.18 -4.99
N MET B 4 10.46 -21.97 -4.56
CA MET B 4 10.53 -21.56 -3.17
C MET B 4 9.15 -21.64 -2.55
N THR B 5 9.05 -22.30 -1.41
CA THR B 5 7.82 -22.36 -0.64
C THR B 5 8.11 -21.83 0.75
N GLN B 6 7.08 -21.31 1.42
CA GLN B 6 7.23 -20.80 2.76
C GLN B 6 6.11 -21.35 3.63
N SER B 7 6.36 -21.36 4.94
CA SER B 7 5.39 -21.80 5.92
C SER B 7 5.70 -21.05 7.21
N PRO B 8 4.67 -20.62 7.96
CA PRO B 8 3.27 -20.69 7.55
C PRO B 8 2.93 -19.58 6.57
N ASP B 9 1.71 -19.62 6.02
CA ASP B 9 1.24 -18.55 5.15
C ASP B 9 1.11 -17.23 5.91
N SER B 10 0.85 -17.32 7.20
CA SER B 10 0.64 -16.13 8.02
C SER B 10 0.89 -16.48 9.47
N LEU B 11 0.94 -15.45 10.30
CA LEU B 11 0.96 -15.66 11.72
C LEU B 11 0.57 -14.37 12.41
N ALA B 12 -0.06 -14.52 13.56
CA ALA B 12 -0.36 -13.41 14.45
C ALA B 12 0.06 -13.83 15.85
N VAL B 13 1.02 -13.11 16.44
CA VAL B 13 1.49 -13.38 17.79
C VAL B 13 1.70 -12.06 18.50
N SER B 14 1.75 -12.11 19.83
CA SER B 14 1.79 -10.92 20.65
C SER B 14 3.18 -10.26 20.63
N LEU B 15 3.21 -8.99 20.98
CA LEU B 15 4.47 -8.25 21.02
C LEU B 15 5.46 -8.94 21.96
N GLY B 16 6.73 -8.96 21.58
CA GLY B 16 7.76 -9.54 22.42
C GLY B 16 7.86 -11.04 22.32
N GLU B 17 7.00 -11.66 21.53
CA GLU B 17 7.14 -13.09 21.29
C GLU B 17 8.10 -13.32 20.14
N ARG B 18 8.58 -14.54 20.07
CA ARG B 18 9.44 -15.00 18.99
C ARG B 18 8.55 -15.49 17.84
N ALA B 19 9.04 -15.29 16.63
CA ALA B 19 8.42 -15.79 15.40
C ALA B 19 9.50 -16.37 14.51
N THR B 20 9.28 -17.58 14.02
CA THR B 20 10.14 -18.17 13.02
C THR B 20 9.31 -18.49 11.79
N ILE B 21 9.88 -18.15 10.63
CA ILE B 21 9.26 -18.32 9.33
C ILE B 21 10.11 -19.32 8.56
N ASN B 22 9.47 -20.30 7.95
CA ASN B 22 10.17 -21.35 7.22
C ASN B 22 10.15 -21.11 5.72
N CYS B 23 11.20 -21.57 5.06
CA CYS B 23 11.36 -21.45 3.61
C CYS B 23 12.09 -22.69 3.14
N LYS B 24 11.67 -23.22 1.99
CA LYS B 24 12.31 -24.38 1.38
C LYS B 24 12.53 -24.13 -0.10
N SER B 25 13.69 -24.54 -0.61
CA SER B 25 13.96 -24.54 -2.04
C SER B 25 13.85 -25.96 -2.58
N SER B 26 13.42 -26.08 -3.83
CA SER B 26 13.16 -27.41 -4.39
C SER B 26 14.44 -28.13 -4.80
N GLN B 27 15.56 -27.42 -4.89
CA GLN B 27 16.88 -28.04 -4.97
C GLN B 27 17.82 -27.21 -4.11
N THR B 28 19.04 -27.71 -3.94
CA THR B 28 19.97 -27.03 -3.04
C THR B 28 20.43 -25.71 -3.65
N VAL B 29 20.59 -24.70 -2.79
CA VAL B 29 21.22 -23.45 -3.18
C VAL B 29 22.53 -23.22 -2.45
N LEU B 30 23.08 -24.27 -1.84
CA LEU B 30 24.43 -24.23 -1.29
C LEU B 30 25.43 -24.49 -2.42
N TYR B 31 26.33 -23.53 -2.64
CA TYR B 31 27.26 -23.60 -3.75
C TYR B 31 28.49 -24.37 -3.29
N SER B 32 28.69 -25.56 -3.88
CA SER B 32 29.82 -26.41 -3.52
C SER B 32 31.14 -25.66 -3.56
N SER B 33 31.31 -24.79 -4.56
CA SER B 33 32.62 -24.20 -4.81
C SER B 33 33.07 -23.32 -3.63
N ASN B 34 32.17 -22.48 -3.10
CA ASN B 34 32.54 -21.56 -2.03
C ASN B 34 31.78 -21.79 -0.72
N ASN B 35 30.93 -22.82 -0.64
CA ASN B 35 30.23 -23.15 0.60
C ASN B 35 29.37 -21.99 1.08
N LYS B 36 28.77 -21.25 0.14
CA LYS B 36 27.81 -20.21 0.47
C LYS B 36 26.41 -20.64 0.04
N LYS B 37 25.41 -20.20 0.80
CA LYS B 37 24.00 -20.45 0.49
C LYS B 37 23.42 -19.18 -0.15
N TYR B 38 22.94 -19.30 -1.39
CA TYR B 38 22.48 -18.15 -2.17
C TYR B 38 20.99 -17.90 -1.90
N LEU B 39 20.72 -17.38 -0.70
CA LEU B 39 19.36 -17.30 -0.15
C LEU B 39 19.22 -15.97 0.57
N ALA B 40 18.22 -15.18 0.20
CA ALA B 40 17.98 -13.90 0.83
C ALA B 40 16.57 -13.86 1.42
N TRP B 41 16.40 -13.00 2.43
CA TRP B 41 15.11 -12.71 3.03
C TRP B 41 14.82 -11.22 2.89
N TYR B 42 13.57 -10.87 2.59
CA TYR B 42 13.12 -9.49 2.48
C TYR B 42 11.91 -9.25 3.38
N GLN B 43 11.78 -8.00 3.83
CA GLN B 43 10.58 -7.51 4.51
C GLN B 43 9.85 -6.55 3.59
N GLN B 44 8.54 -6.70 3.43
CA GLN B 44 7.78 -5.74 2.64
C GLN B 44 6.53 -5.28 3.38
N LYS B 45 6.39 -3.96 3.53
CA LYS B 45 5.19 -3.31 4.06
C LYS B 45 4.33 -2.77 2.93
N PRO B 46 3.01 -2.62 3.17
CA PRO B 46 2.13 -2.16 2.09
C PRO B 46 2.58 -0.81 1.54
N GLY B 47 2.50 -0.67 0.23
CA GLY B 47 2.92 0.55 -0.42
C GLY B 47 4.42 0.74 -0.58
N GLN B 48 5.24 -0.18 -0.06
CA GLN B 48 6.69 -0.01 -0.11
C GLN B 48 7.36 -1.17 -0.85
N PRO B 49 8.57 -0.95 -1.37
CA PRO B 49 9.34 -2.07 -1.97
C PRO B 49 9.77 -3.05 -0.90
N PRO B 50 10.08 -4.29 -1.28
CA PRO B 50 10.75 -5.20 -0.33
C PRO B 50 12.07 -4.60 0.11
N ASN B 51 12.46 -4.97 1.32
CA ASN B 51 13.65 -4.42 1.99
C ASN B 51 14.51 -5.60 2.42
N LEU B 52 15.75 -5.64 1.94
CA LEU B 52 16.65 -6.78 2.20
C LEU B 52 17.00 -6.89 3.69
N LEU B 53 16.70 -8.04 4.29
CA LEU B 53 17.03 -8.30 5.69
C LEU B 53 18.28 -9.15 5.84
N ILE B 54 18.36 -10.26 5.10
CA ILE B 54 19.35 -11.32 5.30
C ILE B 54 19.81 -11.79 3.93
N TYR B 55 21.10 -12.10 3.80
CA TYR B 55 21.61 -12.72 2.58
C TYR B 55 22.70 -13.71 2.98
N TRP B 56 23.13 -14.53 2.02
CA TRP B 56 23.95 -15.71 2.32
C TRP B 56 23.28 -16.57 3.40
N ALA B 57 21.96 -16.52 3.44
CA ALA B 57 21.10 -17.27 4.36
C ALA B 57 21.18 -16.81 5.81
N SER B 58 22.32 -16.28 6.24
CA SER B 58 22.55 -16.00 7.65
C SER B 58 23.28 -14.69 7.92
N THR B 59 23.64 -13.91 6.90
CA THR B 59 24.33 -12.63 7.12
C THR B 59 23.29 -11.52 7.17
N ARG B 60 23.29 -10.75 8.26
CA ARG B 60 22.34 -9.68 8.42
C ARG B 60 22.79 -8.48 7.60
N GLU B 61 21.87 -7.90 6.84
CA GLU B 61 22.21 -6.72 6.05
C GLU B 61 22.44 -5.51 6.95
N SER B 62 23.34 -4.64 6.53
CA SER B 62 23.65 -3.44 7.29
C SER B 62 22.38 -2.64 7.54
N GLY B 63 22.26 -2.09 8.76
CA GLY B 63 21.09 -1.34 9.14
C GLY B 63 19.90 -2.14 9.62
N VAL B 64 19.98 -3.47 9.64
CA VAL B 64 18.86 -4.33 10.04
C VAL B 64 18.96 -4.64 11.54
N PRO B 65 17.88 -4.50 12.31
CA PRO B 65 17.94 -4.81 13.74
C PRO B 65 18.41 -6.23 14.01
N ASP B 66 19.16 -6.41 15.10
CA ASP B 66 19.73 -7.72 15.35
C ASP B 66 18.70 -8.74 15.82
N ARG B 67 17.45 -8.33 16.08
CA ARG B 67 16.41 -9.32 16.37
C ARG B 67 16.06 -10.17 15.16
N PHE B 68 16.48 -9.78 13.96
CA PHE B 68 16.34 -10.59 12.75
C PHE B 68 17.58 -11.47 12.56
N SER B 69 17.36 -12.76 12.35
CA SER B 69 18.46 -13.65 12.04
C SER B 69 17.96 -14.73 11.08
N GLY B 70 18.89 -15.32 10.35
CA GLY B 70 18.57 -16.39 9.43
C GLY B 70 19.51 -17.56 9.61
N SER B 71 19.01 -18.75 9.31
CA SER B 71 19.79 -19.97 9.36
C SER B 71 19.21 -20.95 8.33
N GLY B 72 19.98 -21.97 7.98
CA GLY B 72 19.48 -22.88 6.96
C GLY B 72 20.48 -23.94 6.58
N SER B 73 20.00 -24.86 5.73
CA SER B 73 20.67 -26.10 5.39
C SER B 73 20.89 -26.28 3.89
N GLY B 74 20.92 -25.22 3.10
CA GLY B 74 20.99 -25.38 1.66
C GLY B 74 19.66 -25.64 0.97
N THR B 75 18.70 -26.28 1.65
CA THR B 75 17.34 -26.41 1.14
C THR B 75 16.26 -25.99 2.13
N ASP B 76 16.53 -25.96 3.43
CA ASP B 76 15.54 -25.54 4.42
C ASP B 76 16.09 -24.39 5.23
N PHE B 77 15.33 -23.31 5.29
CA PHE B 77 15.79 -22.05 5.85
C PHE B 77 14.75 -21.49 6.79
N THR B 78 15.23 -20.72 7.76
CA THR B 78 14.34 -20.04 8.69
C THR B 78 14.77 -18.60 8.86
N LEU B 79 13.77 -17.73 8.94
CA LEU B 79 13.94 -16.37 9.42
C LEU B 79 13.34 -16.28 10.81
N THR B 80 14.12 -15.79 11.76
CA THR B 80 13.64 -15.65 13.13
C THR B 80 13.63 -14.19 13.54
N ILE B 81 12.51 -13.75 14.12
CA ILE B 81 12.42 -12.49 14.82
C ILE B 81 12.38 -12.82 16.31
N SER B 82 13.47 -12.51 17.02
CA SER B 82 13.61 -13.02 18.39
C SER B 82 12.59 -12.39 19.34
N SER B 83 12.12 -11.18 19.02
CA SER B 83 11.23 -10.44 19.90
C SER B 83 10.41 -9.51 19.02
N LEU B 84 9.16 -9.87 18.75
CA LEU B 84 8.41 -9.15 17.73
C LEU B 84 8.07 -7.74 18.23
N GLN B 85 8.29 -6.75 17.38
CA GLN B 85 7.98 -5.34 17.65
C GLN B 85 6.84 -4.89 16.74
N ALA B 86 6.14 -3.83 17.17
CA ALA B 86 4.96 -3.38 16.43
C ALA B 86 5.30 -3.06 14.98
N GLU B 87 6.48 -2.49 14.72
CA GLU B 87 6.83 -2.12 13.36
C GLU B 87 7.25 -3.31 12.50
N ASP B 88 7.21 -4.52 13.03
CA ASP B 88 7.58 -5.68 12.23
C ASP B 88 6.42 -6.23 11.41
N VAL B 89 5.21 -5.66 11.53
CA VAL B 89 4.10 -6.19 10.73
C VAL B 89 4.38 -5.92 9.27
N ALA B 90 4.32 -6.97 8.46
CA ALA B 90 4.80 -6.96 7.09
C ALA B 90 4.61 -8.33 6.45
N VAL B 91 4.99 -8.47 5.19
CA VAL B 91 5.12 -9.79 4.55
C VAL B 91 6.61 -10.06 4.37
N TYR B 92 7.03 -11.27 4.71
CA TYR B 92 8.43 -11.67 4.64
C TYR B 92 8.58 -12.70 3.53
N TYR B 93 9.53 -12.44 2.63
CA TYR B 93 9.78 -13.27 1.47
C TYR B 93 11.19 -13.83 1.54
N CYS B 94 11.33 -15.09 1.17
CA CYS B 94 12.67 -15.57 0.89
C CYS B 94 12.86 -15.62 -0.61
N GLN B 95 14.12 -15.74 -1.02
CA GLN B 95 14.44 -15.67 -2.45
C GLN B 95 15.80 -16.31 -2.68
N GLN B 96 15.89 -17.18 -3.68
CA GLN B 96 17.16 -17.74 -4.10
C GLN B 96 17.73 -16.92 -5.24
N TYR B 97 19.04 -16.67 -5.19
CA TYR B 97 19.79 -16.05 -6.28
C TYR B 97 20.91 -16.97 -6.72
N TYR B 98 20.63 -18.28 -6.68
CA TYR B 98 21.58 -19.32 -7.01
C TYR B 98 21.57 -19.67 -8.50
N SER B 99 20.41 -19.54 -9.15
CA SER B 99 20.26 -19.99 -10.52
C SER B 99 19.12 -19.22 -11.18
N THR B 100 19.36 -18.76 -12.41
CA THR B 100 18.33 -18.09 -13.17
C THR B 100 17.22 -19.08 -13.53
N PRO B 101 15.95 -18.66 -13.50
CA PRO B 101 15.54 -17.33 -13.01
C PRO B 101 15.55 -17.25 -11.50
N PHE B 102 15.98 -16.11 -10.98
CA PHE B 102 15.88 -15.87 -9.55
C PHE B 102 14.41 -15.98 -9.16
N THR B 103 14.12 -16.68 -8.08
CA THR B 103 12.73 -16.91 -7.70
C THR B 103 12.48 -16.59 -6.24
N PHE B 104 11.27 -16.09 -5.98
CA PHE B 104 10.82 -15.67 -4.65
C PHE B 104 9.83 -16.69 -4.11
N GLY B 105 9.83 -16.84 -2.79
CA GLY B 105 8.77 -17.55 -2.10
C GLY B 105 7.50 -16.74 -2.13
N PRO B 106 6.38 -17.34 -1.71
CA PRO B 106 5.10 -16.63 -1.78
C PRO B 106 4.86 -15.65 -0.65
N GLY B 107 5.76 -15.57 0.32
CA GLY B 107 5.56 -14.61 1.40
C GLY B 107 4.86 -15.21 2.60
N THR B 108 5.23 -14.72 3.78
CA THR B 108 4.57 -15.05 5.04
C THR B 108 4.16 -13.73 5.68
N LYS B 109 2.86 -13.58 5.91
CA LYS B 109 2.33 -12.34 6.49
C LYS B 109 2.39 -12.39 8.01
N VAL B 110 2.94 -11.35 8.60
CA VAL B 110 3.13 -11.29 10.04
C VAL B 110 2.26 -10.18 10.59
N GLU B 111 1.41 -10.52 11.57
CA GLU B 111 0.60 -9.53 12.24
C GLU B 111 0.77 -9.66 13.74
N ILE B 112 0.48 -8.57 14.44
CA ILE B 112 0.58 -8.50 15.89
C ILE B 112 -0.77 -8.84 16.48
N LYS B 113 -0.79 -9.77 17.43
CA LYS B 113 -1.95 -10.02 18.27
C LYS B 113 -1.85 -9.13 19.51
N ARG B 114 -2.83 -8.24 19.69
CA ARG B 114 -2.81 -7.31 20.83
C ARG B 114 -4.12 -7.44 21.60
N THR B 115 -4.26 -6.62 22.64
CA THR B 115 -5.48 -6.64 23.43
C THR B 115 -6.62 -6.02 22.67
N VAL B 116 -7.85 -6.38 23.06
CA VAL B 116 -9.03 -5.83 22.41
C VAL B 116 -9.06 -4.32 22.59
N ALA B 117 -9.39 -3.62 21.49
CA ALA B 117 -9.51 -2.18 21.50
C ALA B 117 -10.75 -1.79 20.69
N ALA B 118 -11.68 -1.09 21.34
CA ALA B 118 -12.93 -0.73 20.68
C ALA B 118 -12.71 0.37 19.66
N PRO B 119 -13.48 0.37 18.57
CA PRO B 119 -13.35 1.46 17.60
C PRO B 119 -13.90 2.77 18.14
N SER B 120 -13.27 3.86 17.76
CA SER B 120 -13.89 5.17 17.88
C SER B 120 -14.68 5.42 16.61
N VAL B 121 -15.99 5.65 16.74
CA VAL B 121 -16.89 5.71 15.60
C VAL B 121 -17.26 7.17 15.32
N PHE B 122 -17.07 7.58 14.07
CA PHE B 122 -17.32 8.95 13.60
C PHE B 122 -18.15 8.91 12.33
N ILE B 123 -18.91 9.97 12.06
CA ILE B 123 -19.72 10.05 10.85
C ILE B 123 -19.57 11.44 10.25
N PHE B 124 -19.57 11.50 8.92
CA PHE B 124 -19.41 12.74 8.17
C PHE B 124 -20.54 12.87 7.16
N PRO B 125 -21.39 13.88 7.29
CA PRO B 125 -22.39 14.15 6.24
C PRO B 125 -21.71 14.51 4.93
N PRO B 126 -22.46 14.53 3.83
CA PRO B 126 -21.85 14.95 2.56
C PRO B 126 -21.48 16.42 2.62
N SER B 127 -20.44 16.79 1.87
CA SER B 127 -20.10 18.19 1.72
C SER B 127 -21.11 18.92 0.84
N ASP B 128 -21.30 20.20 1.12
CA ASP B 128 -22.15 21.01 0.26
C ASP B 128 -21.62 21.03 -1.16
N GLU B 129 -20.29 21.01 -1.31
CA GLU B 129 -19.68 20.98 -2.64
C GLU B 129 -20.12 19.74 -3.41
N GLN B 130 -20.09 18.57 -2.77
CA GLN B 130 -20.52 17.36 -3.47
C GLN B 130 -22.00 17.41 -3.81
N LEU B 131 -22.83 17.83 -2.85
CA LEU B 131 -24.27 17.86 -3.09
C LEU B 131 -24.64 18.71 -4.29
N LYS B 132 -23.88 19.78 -4.55
CA LYS B 132 -24.07 20.55 -5.77
C LYS B 132 -23.82 19.71 -7.02
N SER B 133 -22.96 18.69 -6.92
CA SER B 133 -22.68 17.82 -8.04
C SER B 133 -23.79 16.79 -8.29
N GLY B 134 -24.77 16.70 -7.40
CA GLY B 134 -25.87 15.75 -7.56
C GLY B 134 -25.74 14.48 -6.75
N THR B 135 -24.63 14.27 -6.03
CA THR B 135 -24.41 13.04 -5.29
C THR B 135 -24.13 13.36 -3.82
N ALA B 136 -24.52 12.44 -2.95
CA ALA B 136 -24.30 12.55 -1.51
C ALA B 136 -23.56 11.31 -1.02
N SER B 137 -22.35 11.50 -0.52
CA SER B 137 -21.58 10.42 0.12
C SER B 137 -21.51 10.67 1.61
N VAL B 138 -21.98 9.71 2.39
CA VAL B 138 -21.90 9.74 3.84
C VAL B 138 -20.80 8.80 4.27
N VAL B 139 -19.89 9.25 5.13
CA VAL B 139 -18.76 8.43 5.52
C VAL B 139 -18.86 8.08 7.00
N CYS B 140 -18.72 6.79 7.30
CA CYS B 140 -18.64 6.29 8.66
C CYS B 140 -17.22 5.79 8.89
N LEU B 141 -16.60 6.26 9.96
CA LEU B 141 -15.20 5.97 10.26
C LEU B 141 -15.07 5.19 11.57
N LEU B 142 -14.37 4.05 11.50
CA LEU B 142 -14.07 3.23 12.67
C LEU B 142 -12.56 3.34 12.89
N ASN B 143 -12.15 4.08 13.91
CA ASN B 143 -10.74 4.40 14.10
C ASN B 143 -10.11 3.50 15.15
N ASN B 144 -8.99 2.86 14.79
CA ASN B 144 -8.02 2.28 15.73
C ASN B 144 -8.66 1.22 16.64
N PHE B 145 -9.07 0.13 16.00
CA PHE B 145 -9.68 -0.95 16.77
C PHE B 145 -8.90 -2.25 16.58
N TYR B 146 -9.14 -3.18 17.50
CA TYR B 146 -8.57 -4.51 17.43
C TYR B 146 -9.54 -5.45 18.14
N PRO B 147 -9.81 -6.66 17.59
CA PRO B 147 -9.30 -7.25 16.35
C PRO B 147 -9.95 -6.65 15.09
N ARG B 148 -9.53 -7.12 13.92
CA ARG B 148 -9.92 -6.49 12.65
C ARG B 148 -11.41 -6.71 12.35
N GLU B 149 -11.98 -7.81 12.84
CA GLU B 149 -13.39 -8.11 12.57
C GLU B 149 -14.29 -7.03 13.13
N ALA B 150 -15.11 -6.43 12.26
CA ALA B 150 -16.10 -5.46 12.69
C ALA B 150 -17.25 -5.47 11.67
N LYS B 151 -18.44 -5.07 12.12
CA LYS B 151 -19.59 -5.00 11.25
C LYS B 151 -20.22 -3.61 11.31
N VAL B 152 -20.40 -3.00 10.14
CA VAL B 152 -21.07 -1.72 9.97
C VAL B 152 -22.42 -1.96 9.30
N GLN B 153 -23.47 -1.40 9.86
CA GLN B 153 -24.76 -1.36 9.20
C GLN B 153 -25.22 0.09 9.07
N TRP B 154 -25.67 0.44 7.87
CA TRP B 154 -26.27 1.75 7.63
C TRP B 154 -27.77 1.71 7.84
N LYS B 155 -28.29 2.68 8.56
CA LYS B 155 -29.72 2.86 8.74
C LYS B 155 -30.09 4.29 8.34
N VAL B 156 -31.11 4.42 7.50
CA VAL B 156 -31.60 5.71 7.04
C VAL B 156 -33.04 5.82 7.52
N ASP B 157 -33.31 6.79 8.39
CA ASP B 157 -34.58 6.88 9.11
C ASP B 157 -34.97 5.53 9.73
N ASN B 158 -33.97 4.90 10.36
CA ASN B 158 -34.08 3.61 11.04
C ASN B 158 -34.39 2.45 10.11
N ALA B 159 -34.33 2.65 8.79
CA ALA B 159 -34.46 1.53 7.87
C ALA B 159 -33.08 1.02 7.49
N LEU B 160 -32.86 -0.29 7.63
CA LEU B 160 -31.56 -0.89 7.35
C LEU B 160 -31.26 -0.84 5.85
N GLN B 161 -30.07 -0.36 5.50
CA GLN B 161 -29.68 -0.21 4.11
C GLN B 161 -28.96 -1.45 3.59
N SER B 162 -29.03 -1.65 2.28
CA SER B 162 -28.23 -2.68 1.62
C SER B 162 -28.01 -2.30 0.16
N GLY B 163 -26.80 -2.52 -0.32
CA GLY B 163 -26.50 -2.38 -1.74
C GLY B 163 -25.96 -1.02 -2.14
N ASN B 164 -25.85 -0.07 -1.21
CA ASN B 164 -25.45 1.30 -1.51
C ASN B 164 -24.24 1.76 -0.70
N SER B 165 -23.48 0.84 -0.11
CA SER B 165 -22.28 1.20 0.63
C SER B 165 -21.09 0.36 0.18
N GLN B 166 -19.90 0.93 0.41
CA GLN B 166 -18.64 0.21 0.25
C GLN B 166 -17.73 0.57 1.42
N GLU B 167 -16.90 -0.40 1.81
CA GLU B 167 -15.99 -0.19 2.92
C GLU B 167 -14.61 -0.72 2.56
N SER B 168 -13.60 -0.24 3.28
CA SER B 168 -12.30 -0.88 3.22
C SER B 168 -11.59 -0.67 4.55
N VAL B 169 -10.66 -1.59 4.84
CA VAL B 169 -9.94 -1.64 6.11
C VAL B 169 -8.48 -1.35 5.82
N THR B 170 -7.80 -0.69 6.77
CA THR B 170 -6.38 -0.45 6.59
C THR B 170 -5.59 -1.74 6.87
N GLU B 171 -4.34 -1.73 6.43
CA GLU B 171 -3.34 -2.62 7.00
C GLU B 171 -3.19 -2.33 8.49
N GLN B 172 -2.54 -3.25 9.18
CA GLN B 172 -2.36 -3.08 10.62
C GLN B 172 -1.37 -1.95 10.91
N ASP B 173 -1.71 -1.12 11.89
CA ASP B 173 -0.89 0.05 12.22
C ASP B 173 0.47 -0.39 12.77
N SER B 174 1.54 0.24 12.28
CA SER B 174 2.88 -0.15 12.68
C SER B 174 3.27 0.37 14.06
N LYS B 175 2.43 1.19 14.70
CA LYS B 175 2.75 1.69 16.01
C LYS B 175 1.86 1.11 17.10
N ASP B 176 0.53 1.13 16.92
CA ASP B 176 -0.36 0.63 17.96
C ASP B 176 -1.05 -0.68 17.58
N SER B 177 -0.70 -1.26 16.42
CA SER B 177 -1.17 -2.59 16.04
C SER B 177 -2.69 -2.66 15.89
N THR B 178 -3.34 -1.51 15.58
CA THR B 178 -4.78 -1.51 15.38
C THR B 178 -5.11 -1.48 13.89
N TYR B 179 -6.39 -1.56 13.60
CA TYR B 179 -6.93 -1.36 12.25
C TYR B 179 -7.89 -0.20 12.26
N SER B 180 -8.11 0.37 11.08
CA SER B 180 -9.17 1.37 10.92
C SER B 180 -10.00 0.98 9.71
N LEU B 181 -11.26 1.44 9.71
CA LEU B 181 -12.20 1.07 8.66
C LEU B 181 -13.00 2.30 8.24
N SER B 182 -13.18 2.45 6.93
CA SER B 182 -13.99 3.51 6.34
C SER B 182 -15.13 2.87 5.55
N SER B 183 -16.35 3.33 5.77
CA SER B 183 -17.52 2.86 5.03
C SER B 183 -18.23 4.07 4.47
N THR B 184 -18.58 4.02 3.18
CA THR B 184 -19.20 5.15 2.51
C THR B 184 -20.56 4.71 2.00
N LEU B 185 -21.60 5.40 2.46
CA LEU B 185 -22.94 5.25 1.89
C LEU B 185 -23.09 6.30 0.80
N THR B 186 -23.52 5.90 -0.39
CA THR B 186 -23.64 6.84 -1.50
C THR B 186 -25.06 6.82 -2.05
N LEU B 187 -25.70 7.98 -2.05
CA LEU B 187 -27.05 8.16 -2.60
C LEU B 187 -27.04 9.34 -3.57
N SER B 188 -28.04 9.37 -4.43
CA SER B 188 -28.30 10.58 -5.20
C SER B 188 -28.69 11.70 -4.25
N LYS B 189 -28.47 12.94 -4.71
CA LYS B 189 -28.90 14.08 -3.91
C LYS B 189 -30.41 14.03 -3.66
N ALA B 190 -31.19 13.66 -4.68
CA ALA B 190 -32.63 13.54 -4.52
C ALA B 190 -32.98 12.55 -3.42
N ASP B 191 -32.39 11.35 -3.47
CA ASP B 191 -32.65 10.36 -2.44
C ASP B 191 -32.18 10.83 -1.08
N TYR B 192 -30.98 11.42 -1.00
CA TYR B 192 -30.48 11.90 0.27
C TYR B 192 -31.45 12.88 0.91
N GLU B 193 -31.93 13.83 0.13
CA GLU B 193 -32.80 14.86 0.68
C GLU B 193 -34.20 14.36 1.02
N LYS B 194 -34.51 13.08 0.77
CA LYS B 194 -35.81 12.53 1.12
C LYS B 194 -35.89 12.03 2.55
N HIS B 195 -34.78 12.00 3.28
CA HIS B 195 -34.73 11.40 4.61
C HIS B 195 -34.04 12.35 5.58
N LYS B 196 -34.15 12.02 6.87
CA LYS B 196 -33.65 12.87 7.94
C LYS B 196 -32.47 12.25 8.67
N VAL B 197 -32.62 11.05 9.23
CA VAL B 197 -31.65 10.49 10.15
C VAL B 197 -30.72 9.56 9.37
N TYR B 198 -29.42 9.81 9.44
CA TYR B 198 -28.42 8.96 8.81
C TYR B 198 -27.54 8.40 9.91
N ALA B 199 -27.43 7.07 9.97
CA ALA B 199 -26.75 6.42 11.08
C ALA B 199 -25.92 5.24 10.60
N CYS B 200 -24.75 5.06 11.18
CA CYS B 200 -24.06 3.79 11.03
C CYS B 200 -24.01 3.12 12.40
N GLU B 201 -24.22 1.82 12.40
CA GLU B 201 -24.26 1.02 13.61
C GLU B 201 -23.11 0.01 13.58
N VAL B 202 -22.33 -0.02 14.66
CA VAL B 202 -21.06 -0.71 14.68
C VAL B 202 -21.10 -1.78 15.77
N THR B 203 -20.82 -3.01 15.38
CA THR B 203 -20.65 -4.12 16.29
C THR B 203 -19.19 -4.50 16.31
N HIS B 204 -18.64 -4.70 17.50
CA HIS B 204 -17.25 -5.07 17.63
C HIS B 204 -17.04 -5.75 18.96
N GLN B 205 -16.05 -6.65 19.02
CA GLN B 205 -15.80 -7.40 20.25
C GLN B 205 -15.56 -6.48 21.43
N GLY B 206 -14.99 -5.29 21.18
CA GLY B 206 -14.74 -4.33 22.24
C GLY B 206 -15.92 -3.52 22.68
N LEU B 207 -17.10 -3.76 22.12
CA LEU B 207 -18.30 -2.98 22.43
C LEU B 207 -19.33 -3.91 23.05
N SER B 208 -19.81 -3.57 24.25
CA SER B 208 -20.75 -4.43 24.95
C SER B 208 -22.08 -4.52 24.21
N SER B 209 -22.47 -3.46 23.51
CA SER B 209 -23.64 -3.44 22.66
C SER B 209 -23.34 -2.58 21.44
N PRO B 210 -23.98 -2.83 20.30
CA PRO B 210 -23.65 -2.08 19.08
C PRO B 210 -23.78 -0.58 19.27
N VAL B 211 -22.77 0.15 18.82
CA VAL B 211 -22.72 1.61 18.91
C VAL B 211 -23.34 2.21 17.64
N THR B 212 -24.20 3.21 17.83
CA THR B 212 -24.85 3.91 16.73
C THR B 212 -24.38 5.37 16.71
N LYS B 213 -23.90 5.82 15.55
CA LYS B 213 -23.47 7.19 15.33
C LYS B 213 -24.35 7.79 14.24
N SER B 214 -24.93 8.97 14.48
CA SER B 214 -25.93 9.48 13.55
C SER B 214 -25.96 10.99 13.51
N PHE B 215 -26.58 11.51 12.45
CA PHE B 215 -26.86 12.93 12.32
C PHE B 215 -28.21 13.11 11.63
N ASN B 216 -28.79 14.30 11.80
CA ASN B 216 -30.02 14.69 11.11
C ASN B 216 -29.66 15.61 9.94
N ARG B 217 -30.03 15.22 8.73
CA ARG B 217 -29.75 16.04 7.56
C ARG B 217 -30.40 17.41 7.71
N GLY B 218 -29.65 18.46 7.36
CA GLY B 218 -30.19 19.80 7.40
C GLY B 218 -30.51 20.31 8.79
N GLU B 219 -29.88 19.75 9.81
CA GLU B 219 -30.07 20.18 11.18
C GLU B 219 -28.72 20.46 11.82
N CYS B 220 -28.66 21.48 12.66
CA CYS B 220 -27.40 21.86 13.27
C CYS B 220 -27.59 22.89 14.37
#